data_2E4T
#
_entry.id   2E4T
#
_cell.length_a   48.077
_cell.length_b   59.155
_cell.length_c   170.684
_cell.angle_alpha   90.00
_cell.angle_beta   90.00
_cell.angle_gamma   90.00
#
_symmetry.space_group_name_H-M   'P 21 21 21'
#
loop_
_entity.id
_entity.type
_entity.pdbx_description
1 polymer Endoglucanase
2 non-polymer 'ZINC ION'
3 non-polymer 'CALCIUM ION'
4 non-polymer 'CHLORIDE ION'
5 non-polymer GLYCEROL
6 water water
#
_entity_poly.entity_id   1
_entity_poly.type   'polypeptide(L)'
_entity_poly.pdbx_seq_one_letter_code
;GSRSEPAKVVDIRIDTSAERKPISPYIYGSNQELDATVTAKRFGGNRTTGYNWENNFSNAGSDWLHYSDTYLLEDGGVPK
GEWSTPASVVTTFHDKALSKNVPYTLITLQAAGYVSADGNGPVSQEETAPSSRWKEVKFEKGAPFSLTPDTEDDYVYMDE
FVNYLVNKYGNASTPTGIKGYSIDNEPALWSHTHPRIHPDNVTAKELIEKSVALSKAVKKVDPYAEIFGPALYGFAAYET
LQSAPDWGTEGEGYRWFIDYYLDKMKKASDEEGKRLLDVLDVHWYPEARGGGERICFGADPRNIETNKARLQAPRTLWDP
TYIEDSWIGQWKKDFLPILPNLLDSIEKYYPGTKLAITEYDYGGGNHITGGIAQADVLGIFGKYGVYLATFWGDASNNYT
EAGINLYTNYDGKGGKFGDTSVKCETSDIEVSSAYASIVGEDDSKLHIILLNKNYDQPTTFNFSIDSSKNYTIGNVWAFD
RGSSNITQRTPIVNIKDNTFTYTVPALTACHIVLEAAEP
;
_entity_poly.pdbx_strand_id   A
#
# COMPACT_ATOMS: atom_id res chain seq x y z
N ALA A 7 27.55 -6.19 26.91
CA ALA A 7 26.34 -5.42 26.46
C ALA A 7 26.51 -4.99 24.99
N LYS A 8 25.40 -4.96 24.28
CA LYS A 8 25.37 -4.48 22.89
C LYS A 8 25.10 -3.00 22.92
N VAL A 9 25.98 -2.26 22.26
CA VAL A 9 25.96 -0.77 22.28
C VAL A 9 25.95 -0.22 20.86
N VAL A 10 24.99 0.65 20.57
CA VAL A 10 24.74 1.17 19.24
C VAL A 10 24.67 2.69 19.31
N ASP A 11 25.34 3.36 18.37
CA ASP A 11 25.27 4.80 18.32
C ASP A 11 24.20 5.25 17.31
N ILE A 12 23.38 6.22 17.72
CA ILE A 12 22.36 6.81 16.86
C ILE A 12 22.74 8.31 16.74
N ARG A 13 22.88 8.79 15.50
CA ARG A 13 23.28 10.17 15.26
C ARG A 13 22.19 10.83 14.42
N ILE A 14 21.60 11.90 14.94
CA ILE A 14 20.50 12.61 14.26
C ILE A 14 20.94 14.04 13.99
N ASP A 15 20.59 14.57 12.81
CA ASP A 15 20.82 16.00 12.53
C ASP A 15 19.52 16.55 12.01
N THR A 16 18.83 17.31 12.84
CA THR A 16 17.49 17.79 12.49
C THR A 16 17.49 18.79 11.34
N SER A 17 18.67 19.31 10.97
CA SER A 17 18.73 20.25 9.86
C SER A 17 19.03 19.58 8.53
N ALA A 18 19.36 18.26 8.53
CA ALA A 18 19.92 17.61 7.38
C ALA A 18 18.91 16.63 6.77
N GLU A 19 18.97 16.55 5.43
CA GLU A 19 18.21 15.55 4.69
C GLU A 19 16.71 15.70 4.93
N ARG A 20 16.23 16.92 5.13
CA ARG A 20 14.81 17.08 5.39
C ARG A 20 14.00 16.75 4.15
N LYS A 21 12.94 15.98 4.34
CA LYS A 21 12.08 15.60 3.21
C LYS A 21 10.71 15.28 3.75
N PRO A 22 9.65 15.65 3.03
CA PRO A 22 8.31 15.36 3.53
C PRO A 22 8.06 13.82 3.51
N ILE A 23 7.36 13.38 4.54
CA ILE A 23 6.83 12.02 4.62
C ILE A 23 5.36 12.10 4.14
N SER A 24 5.04 11.35 3.08
CA SER A 24 3.67 11.42 2.60
C SER A 24 2.71 10.91 3.68
N PRO A 25 1.61 11.62 3.91
CA PRO A 25 0.70 11.23 4.99
C PRO A 25 0.01 9.91 4.76
N TYR A 26 -0.01 9.42 3.51
CA TYR A 26 -0.89 8.32 3.10
C TYR A 26 -0.21 6.97 3.13
N ILE A 27 1.01 6.87 3.74
CA ILE A 27 1.70 5.61 3.82
C ILE A 27 1.16 4.67 4.88
N TYR A 28 0.31 5.17 5.78
CA TYR A 28 -0.16 4.42 6.94
C TYR A 28 -1.57 3.88 6.72
N GLY A 29 -1.81 3.30 5.51
CA GLY A 29 -3.16 2.90 5.17
C GLY A 29 -3.40 1.39 5.31
N SER A 30 -4.68 1.02 5.02
CA SER A 30 -5.06 -0.38 5.04
C SER A 30 -6.11 -0.65 3.92
N ASN A 31 -6.22 -1.93 3.58
CA ASN A 31 -7.29 -2.45 2.72
C ASN A 31 -8.51 -2.89 3.53
N GLN A 32 -8.28 -3.53 4.69
CA GLN A 32 -9.33 -4.07 5.53
C GLN A 32 -9.65 -3.09 6.66
N GLU A 33 -10.70 -3.42 7.44
CA GLU A 33 -11.12 -2.62 8.58
C GLU A 33 -10.28 -3.07 9.78
N LEU A 34 -9.31 -2.23 10.16
CA LEU A 34 -8.35 -2.54 11.21
C LEU A 34 -8.67 -1.84 12.52
N ASP A 35 -8.13 -2.43 13.60
CA ASP A 35 -8.04 -1.80 14.91
C ASP A 35 -6.79 -0.92 14.96
N ALA A 36 -6.78 0.09 14.10
CA ALA A 36 -5.65 1.02 14.01
C ALA A 36 -6.19 2.29 13.41
N THR A 37 -5.54 3.40 13.73
CA THR A 37 -5.81 4.67 13.05
C THR A 37 -5.04 4.66 11.75
N VAL A 38 -5.75 4.61 10.64
CA VAL A 38 -5.12 4.56 9.33
C VAL A 38 -5.34 5.86 8.59
N THR A 39 -4.47 6.09 7.58
CA THR A 39 -4.51 7.37 6.85
C THR A 39 -4.83 7.21 5.37
N ALA A 40 -5.10 5.96 4.95
CA ALA A 40 -5.61 5.73 3.61
C ALA A 40 -6.42 4.40 3.69
N LYS A 41 -7.46 4.36 2.83
CA LYS A 41 -8.24 3.13 2.66
C LYS A 41 -8.31 2.80 1.18
N ARG A 42 -7.97 1.55 0.84
CA ARG A 42 -8.06 1.05 -0.53
C ARG A 42 -9.20 0.03 -0.63
N PHE A 43 -10.07 0.29 -1.64
CA PHE A 43 -11.06 -0.68 -2.08
C PHE A 43 -10.45 -1.38 -3.28
N GLY A 44 -9.92 -2.59 -3.07
CA GLY A 44 -9.14 -3.24 -4.11
C GLY A 44 -9.03 -4.72 -3.83
N GLY A 45 -8.18 -5.38 -4.62
CA GLY A 45 -8.01 -6.80 -4.52
C GLY A 45 -8.97 -7.58 -5.43
N ASN A 46 -8.91 -8.90 -5.33
CA ASN A 46 -9.51 -9.76 -6.37
C ASN A 46 -11.00 -9.47 -6.57
N ARG A 47 -11.77 -9.21 -5.51
CA ARG A 47 -13.21 -9.05 -5.67
C ARG A 47 -13.54 -7.80 -6.46
N THR A 48 -12.64 -6.84 -6.59
CA THR A 48 -12.99 -5.60 -7.23
C THR A 48 -12.94 -5.65 -8.77
N THR A 49 -12.32 -6.69 -9.34
CA THR A 49 -12.19 -6.73 -10.80
C THR A 49 -13.56 -6.81 -11.50
N GLY A 50 -14.44 -7.66 -10.95
CA GLY A 50 -15.75 -7.89 -11.57
C GLY A 50 -16.89 -7.17 -10.88
N TYR A 51 -16.58 -6.21 -9.99
CA TYR A 51 -17.61 -5.43 -9.31
C TYR A 51 -18.36 -4.54 -10.29
N ASN A 52 -19.69 -4.61 -10.23
CA ASN A 52 -20.57 -3.82 -11.09
C ASN A 52 -21.19 -2.71 -10.26
N TRP A 53 -20.80 -1.44 -10.49
CA TRP A 53 -21.29 -0.38 -9.65
C TRP A 53 -22.81 -0.17 -9.80
N GLU A 54 -23.38 -0.63 -10.93
CA GLU A 54 -24.81 -0.37 -11.14
C GLU A 54 -25.70 -1.14 -10.19
N ASN A 55 -25.25 -2.37 -9.82
CA ASN A 55 -26.08 -3.28 -9.00
C ASN A 55 -25.34 -3.90 -7.84
N ASN A 56 -24.04 -3.60 -7.67
CA ASN A 56 -23.21 -4.05 -6.54
C ASN A 56 -22.84 -5.54 -6.55
N PHE A 57 -23.19 -6.27 -7.60
CA PHE A 57 -22.74 -7.64 -7.68
C PHE A 57 -21.26 -7.69 -8.01
N SER A 58 -20.64 -8.84 -7.71
CA SER A 58 -19.22 -9.03 -8.01
C SER A 58 -18.99 -10.55 -8.07
N ASN A 59 -17.76 -10.92 -8.50
CA ASN A 59 -17.45 -12.32 -8.73
C ASN A 59 -16.18 -12.71 -7.97
N ALA A 60 -16.27 -13.87 -7.32
CA ALA A 60 -15.17 -14.39 -6.50
C ALA A 60 -13.99 -14.88 -7.34
N GLY A 61 -14.23 -15.19 -8.60
CA GLY A 61 -13.17 -15.83 -9.41
C GLY A 61 -12.71 -17.11 -8.74
N SER A 62 -11.42 -17.37 -8.86
CA SER A 62 -10.80 -18.53 -8.28
C SER A 62 -10.87 -18.61 -6.76
N ASP A 63 -11.18 -17.48 -6.08
CA ASP A 63 -11.28 -17.53 -4.62
C ASP A 63 -12.53 -18.35 -4.19
N TRP A 64 -13.60 -18.41 -4.99
CA TRP A 64 -14.73 -19.26 -4.62
C TRP A 64 -15.60 -19.58 -5.87
N LEU A 65 -15.14 -20.54 -6.65
CA LEU A 65 -15.98 -21.25 -7.67
C LEU A 65 -16.58 -20.28 -8.69
N HIS A 66 -15.92 -19.15 -8.91
CA HIS A 66 -16.41 -18.18 -9.90
C HIS A 66 -17.84 -17.76 -9.59
N TYR A 67 -18.17 -17.60 -8.30
CA TYR A 67 -19.50 -17.16 -7.90
C TYR A 67 -19.71 -15.67 -8.12
N SER A 68 -20.83 -15.31 -8.75
CA SER A 68 -21.33 -13.94 -8.73
C SER A 68 -22.37 -13.84 -7.63
N ASP A 69 -22.22 -12.86 -6.72
CA ASP A 69 -23.08 -12.81 -5.55
C ASP A 69 -22.98 -11.42 -4.90
N THR A 70 -23.62 -11.31 -3.73
CA THR A 70 -23.69 -10.07 -2.96
C THR A 70 -22.55 -9.96 -1.91
N TYR A 71 -21.45 -10.69 -2.08
CA TYR A 71 -20.39 -10.68 -1.07
C TYR A 71 -19.94 -9.29 -0.69
N LEU A 72 -19.71 -8.38 -1.64
CA LEU A 72 -19.15 -7.09 -1.25
C LEU A 72 -20.16 -6.25 -0.47
N LEU A 73 -21.46 -6.40 -0.75
CA LEU A 73 -22.49 -5.74 0.03
C LEU A 73 -22.45 -6.22 1.49
N GLU A 74 -22.37 -7.55 1.66
CA GLU A 74 -22.36 -8.14 2.98
C GLU A 74 -21.07 -7.82 3.72
N ASP A 75 -19.93 -8.07 3.10
CA ASP A 75 -18.65 -7.84 3.75
C ASP A 75 -18.41 -6.38 4.09
N GLY A 76 -18.92 -5.47 3.24
CA GLY A 76 -18.75 -4.06 3.51
C GLY A 76 -19.74 -3.51 4.51
N GLY A 77 -20.70 -4.26 4.97
CA GLY A 77 -21.69 -3.77 5.91
C GLY A 77 -22.71 -2.83 5.30
N VAL A 78 -23.03 -3.02 4.01
CA VAL A 78 -24.01 -2.14 3.38
C VAL A 78 -25.42 -2.54 3.92
N PRO A 79 -26.21 -1.60 4.40
CA PRO A 79 -27.58 -1.96 4.82
C PRO A 79 -28.41 -2.51 3.67
N LYS A 80 -29.32 -3.46 3.94
CA LYS A 80 -30.08 -4.13 2.89
C LYS A 80 -30.86 -3.11 2.11
N GLY A 81 -31.34 -2.04 2.74
CA GLY A 81 -32.15 -1.06 2.02
C GLY A 81 -31.38 -0.31 0.94
N GLU A 82 -30.05 -0.42 0.93
CA GLU A 82 -29.21 0.22 -0.07
C GLU A 82 -28.61 -0.76 -1.05
N TRP A 83 -28.97 -2.06 -0.99
CA TRP A 83 -28.35 -3.05 -1.87
C TRP A 83 -28.58 -2.75 -3.34
N SER A 84 -29.71 -2.13 -3.70
CA SER A 84 -29.94 -1.83 -5.10
C SER A 84 -29.58 -0.39 -5.45
N THR A 85 -28.99 0.39 -4.53
CA THR A 85 -28.59 1.75 -4.85
C THR A 85 -27.25 1.71 -5.54
N PRO A 86 -27.09 2.36 -6.70
CA PRO A 86 -25.80 2.35 -7.40
C PRO A 86 -24.65 2.71 -6.46
N ALA A 87 -23.57 1.96 -6.64
CA ALA A 87 -22.30 2.23 -5.94
C ALA A 87 -22.42 2.15 -4.44
N SER A 88 -23.46 1.53 -3.87
CA SER A 88 -23.56 1.51 -2.39
C SER A 88 -22.39 0.79 -1.74
N VAL A 89 -21.79 -0.21 -2.38
CA VAL A 89 -20.58 -0.82 -1.81
C VAL A 89 -19.51 0.27 -1.62
N VAL A 90 -19.29 1.08 -2.64
CA VAL A 90 -18.22 2.09 -2.64
C VAL A 90 -18.57 3.29 -1.78
N THR A 91 -19.85 3.72 -1.80
CA THR A 91 -20.20 4.86 -0.98
C THR A 91 -20.23 4.45 0.52
N THR A 92 -20.60 3.21 0.84
CA THR A 92 -20.45 2.79 2.24
C THR A 92 -18.96 2.77 2.62
N PHE A 93 -18.12 2.27 1.71
CA PHE A 93 -16.71 2.19 2.00
C PHE A 93 -16.12 3.59 2.24
N HIS A 94 -16.43 4.55 1.36
CA HIS A 94 -15.94 5.90 1.53
C HIS A 94 -16.57 6.60 2.73
N ASP A 95 -17.88 6.41 2.92
CA ASP A 95 -18.53 7.03 4.09
C ASP A 95 -17.83 6.54 5.38
N LYS A 96 -17.54 5.24 5.46
CA LYS A 96 -16.85 4.73 6.65
C LYS A 96 -15.47 5.39 6.79
N ALA A 97 -14.72 5.48 5.70
CA ALA A 97 -13.39 6.12 5.76
C ALA A 97 -13.51 7.56 6.22
N LEU A 98 -14.44 8.34 5.65
CA LEU A 98 -14.63 9.73 6.09
C LEU A 98 -14.99 9.76 7.58
N SER A 99 -15.83 8.86 8.03
CA SER A 99 -16.26 8.87 9.44
C SER A 99 -15.11 8.59 10.39
N LYS A 100 -14.04 7.95 9.89
CA LYS A 100 -12.86 7.63 10.69
C LYS A 100 -11.74 8.65 10.38
N ASN A 101 -12.07 9.79 9.75
CA ASN A 101 -11.10 10.85 9.52
C ASN A 101 -9.93 10.34 8.66
N VAL A 102 -10.22 9.48 7.70
CA VAL A 102 -9.20 8.99 6.76
C VAL A 102 -9.12 9.92 5.57
N PRO A 103 -7.96 10.52 5.28
CA PRO A 103 -7.89 11.57 4.24
C PRO A 103 -7.72 11.06 2.85
N TYR A 104 -7.46 9.77 2.62
CA TYR A 104 -7.26 9.27 1.26
C TYR A 104 -8.08 8.00 1.09
N THR A 105 -9.00 8.01 0.07
CA THR A 105 -9.67 6.82 -0.37
C THR A 105 -9.26 6.53 -1.81
N LEU A 106 -8.85 5.27 -2.04
CA LEU A 106 -8.44 4.76 -3.34
C LEU A 106 -9.45 3.70 -3.77
N ILE A 107 -10.16 4.00 -4.89
CA ILE A 107 -11.21 3.09 -5.38
C ILE A 107 -10.73 2.40 -6.66
N THR A 108 -10.83 1.08 -6.66
CA THR A 108 -10.51 0.32 -7.89
C THR A 108 -11.65 0.42 -8.88
N LEU A 109 -11.27 0.75 -10.11
CA LEU A 109 -12.15 0.70 -11.28
C LEU A 109 -11.82 -0.57 -12.09
N GLN A 110 -12.78 -0.92 -12.97
CA GLN A 110 -12.80 -2.23 -13.59
C GLN A 110 -12.29 -2.15 -15.04
N ALA A 111 -11.21 -2.90 -15.31
CA ALA A 111 -10.57 -2.85 -16.59
C ALA A 111 -10.40 -4.23 -17.26
N ALA A 112 -10.61 -5.33 -16.54
CA ALA A 112 -10.38 -6.65 -17.12
C ALA A 112 -11.36 -6.90 -18.30
N GLY A 113 -12.50 -6.28 -18.29
CA GLY A 113 -13.34 -6.15 -19.48
C GLY A 113 -14.82 -6.32 -19.25
N TYR A 114 -15.19 -7.01 -18.16
CA TYR A 114 -16.59 -7.33 -17.87
C TYR A 114 -16.78 -7.30 -16.35
N VAL A 115 -18.03 -7.13 -15.95
CA VAL A 115 -18.41 -7.13 -14.53
C VAL A 115 -19.69 -7.98 -14.37
N SER A 116 -19.90 -8.47 -13.16
CA SER A 116 -21.05 -9.36 -12.92
C SER A 116 -22.38 -8.71 -13.32
N ALA A 117 -23.19 -9.45 -14.08
CA ALA A 117 -24.53 -9.00 -14.42
C ALA A 117 -25.55 -9.27 -13.33
N ASP A 118 -25.24 -10.22 -12.44
CA ASP A 118 -26.23 -10.79 -11.53
C ASP A 118 -25.49 -11.27 -10.28
N GLY A 119 -26.29 -11.72 -9.31
CA GLY A 119 -25.79 -12.36 -8.11
C GLY A 119 -26.25 -13.80 -8.00
N ASN A 120 -26.27 -14.52 -9.12
CA ASN A 120 -26.98 -15.79 -9.19
C ASN A 120 -26.14 -17.02 -8.88
N GLY A 121 -24.86 -16.88 -8.53
CA GLY A 121 -24.05 -18.02 -8.16
C GLY A 121 -22.98 -18.28 -9.21
N PRO A 122 -22.53 -19.53 -9.31
CA PRO A 122 -21.34 -19.83 -10.12
C PRO A 122 -21.55 -19.49 -11.60
N VAL A 123 -20.50 -18.93 -12.20
CA VAL A 123 -20.44 -18.69 -13.63
C VAL A 123 -19.66 -19.83 -14.26
N SER A 124 -20.31 -20.56 -15.18
CA SER A 124 -19.66 -21.71 -15.77
C SER A 124 -18.57 -21.29 -16.75
N GLN A 125 -17.68 -22.20 -17.13
CA GLN A 125 -16.73 -21.89 -18.18
C GLN A 125 -17.44 -21.62 -19.50
N GLU A 126 -18.62 -22.23 -19.71
CA GLU A 126 -19.37 -21.99 -20.94
C GLU A 126 -20.01 -20.60 -20.93
N GLU A 127 -20.07 -19.96 -19.76
CA GLU A 127 -20.57 -18.59 -19.60
C GLU A 127 -19.44 -17.57 -19.50
N THR A 128 -18.23 -17.94 -19.94
CA THR A 128 -17.12 -17.01 -20.03
C THR A 128 -17.58 -15.81 -20.83
N ALA A 129 -17.15 -14.60 -20.42
CA ALA A 129 -17.63 -13.40 -21.06
C ALA A 129 -17.20 -13.36 -22.53
N PRO A 130 -18.05 -12.78 -23.41
CA PRO A 130 -19.37 -12.25 -23.12
C PRO A 130 -20.41 -13.35 -22.99
N SER A 131 -21.34 -13.15 -22.07
CA SER A 131 -22.48 -14.03 -21.89
C SER A 131 -23.53 -13.29 -21.09
N SER A 132 -24.68 -13.93 -20.87
CA SER A 132 -25.73 -13.32 -20.07
C SER A 132 -25.27 -13.05 -18.64
N ARG A 133 -24.18 -13.69 -18.19
CA ARG A 133 -23.73 -13.53 -16.80
C ARG A 133 -22.90 -12.25 -16.61
N TRP A 134 -22.59 -11.54 -17.69
CA TRP A 134 -21.66 -10.41 -17.61
C TRP A 134 -22.19 -9.20 -18.33
N LYS A 135 -21.73 -8.03 -17.89
CA LYS A 135 -21.90 -6.80 -18.65
C LYS A 135 -20.53 -6.32 -19.12
N GLU A 136 -20.44 -5.86 -20.35
CA GLU A 136 -19.20 -5.35 -20.89
C GLU A 136 -18.89 -3.95 -20.32
N VAL A 137 -17.67 -3.76 -19.86
CA VAL A 137 -17.26 -2.45 -19.40
C VAL A 137 -16.76 -1.61 -20.56
N LYS A 138 -17.27 -0.37 -20.64
CA LYS A 138 -16.72 0.64 -21.52
C LYS A 138 -16.23 1.77 -20.64
N PHE A 139 -15.08 2.36 -20.99
CA PHE A 139 -14.55 3.40 -20.14
C PHE A 139 -15.28 4.74 -20.29
N GLU A 140 -15.68 5.05 -21.54
CA GLU A 140 -16.39 6.30 -21.84
C GLU A 140 -17.79 5.99 -22.34
N LYS A 141 -18.80 6.55 -21.68
CA LYS A 141 -20.18 6.36 -22.13
C LYS A 141 -20.44 6.99 -23.50
N GLY A 142 -19.89 8.19 -23.73
CA GLY A 142 -20.13 8.92 -25.00
C GLY A 142 -21.59 9.29 -25.23
N ALA A 143 -22.34 9.41 -24.19
CA ALA A 143 -23.71 9.93 -24.15
C ALA A 143 -23.85 10.49 -22.75
N PRO A 144 -24.89 11.30 -22.50
CA PRO A 144 -24.97 11.97 -21.21
C PRO A 144 -25.04 10.98 -20.04
N PHE A 145 -24.34 11.34 -18.97
CA PHE A 145 -24.39 10.54 -17.76
C PHE A 145 -25.76 10.60 -17.09
N SER A 146 -26.06 9.55 -16.37
CA SER A 146 -27.19 9.50 -15.47
C SER A 146 -26.72 9.07 -14.09
N LEU A 147 -27.43 9.58 -13.05
CA LEU A 147 -27.27 9.06 -11.68
C LEU A 147 -28.05 7.78 -11.41
N THR A 148 -28.89 7.40 -12.39
CA THR A 148 -29.65 6.14 -12.30
C THR A 148 -29.25 5.34 -13.53
N PRO A 149 -28.07 4.68 -13.48
CA PRO A 149 -27.60 3.99 -14.67
C PRO A 149 -28.56 2.90 -15.07
N ASP A 150 -28.57 2.61 -16.36
CA ASP A 150 -29.50 1.61 -16.92
C ASP A 150 -29.02 0.21 -16.65
N THR A 151 -29.70 -0.50 -15.78
CA THR A 151 -29.30 -1.83 -15.43
C THR A 151 -29.76 -2.85 -16.48
N GLU A 152 -30.52 -2.43 -17.49
CA GLU A 152 -31.11 -3.38 -18.44
C GLU A 152 -30.28 -3.56 -19.73
N ASP A 153 -29.33 -2.67 -19.96
CA ASP A 153 -28.55 -2.72 -21.15
C ASP A 153 -27.34 -3.61 -20.92
N ASP A 154 -26.49 -3.67 -21.93
CA ASP A 154 -25.38 -4.64 -21.96
C ASP A 154 -24.05 -4.10 -21.42
N TYR A 155 -24.04 -2.85 -20.93
CA TYR A 155 -22.79 -2.14 -20.70
C TYR A 155 -22.78 -1.49 -19.35
N VAL A 156 -21.55 -1.35 -18.80
CA VAL A 156 -21.32 -0.58 -17.57
C VAL A 156 -20.19 0.41 -17.88
N TYR A 157 -20.38 1.67 -17.50
CA TYR A 157 -19.48 2.73 -17.94
C TYR A 157 -18.65 3.26 -16.75
N MET A 158 -17.33 3.23 -16.90
CA MET A 158 -16.49 3.71 -15.81
C MET A 158 -16.58 5.21 -15.57
N ASP A 159 -16.62 6.00 -16.64
CA ASP A 159 -16.71 7.44 -16.40
C ASP A 159 -18.06 7.80 -15.71
N GLU A 160 -19.14 7.07 -16.03
CA GLU A 160 -20.41 7.32 -15.40
C GLU A 160 -20.34 6.98 -13.89
N PHE A 161 -19.61 5.90 -13.55
CA PHE A 161 -19.39 5.53 -12.14
C PHE A 161 -18.64 6.69 -11.43
N VAL A 162 -17.52 7.13 -12.01
CA VAL A 162 -16.77 8.25 -11.41
C VAL A 162 -17.67 9.48 -11.28
N ASN A 163 -18.47 9.77 -12.32
CA ASN A 163 -19.36 10.93 -12.24
C ASN A 163 -20.33 10.80 -11.03
N TYR A 164 -20.86 9.60 -10.79
CA TYR A 164 -21.75 9.40 -9.65
C TYR A 164 -21.04 9.76 -8.33
N LEU A 165 -19.81 9.29 -8.21
CA LEU A 165 -19.01 9.55 -7.00
C LEU A 165 -18.69 11.05 -6.84
N VAL A 166 -18.27 11.69 -7.94
CA VAL A 166 -17.94 13.12 -7.88
C VAL A 166 -19.20 13.94 -7.58
N ASN A 167 -20.35 13.56 -8.14
CA ASN A 167 -21.59 14.22 -7.82
C ASN A 167 -21.89 14.15 -6.32
N LYS A 168 -21.63 12.98 -5.72
CA LYS A 168 -21.95 12.80 -4.31
C LYS A 168 -20.97 13.51 -3.38
N TYR A 169 -19.67 13.39 -3.69
CA TYR A 169 -18.63 13.73 -2.73
C TYR A 169 -17.84 14.98 -3.08
N GLY A 170 -18.02 15.52 -4.28
CA GLY A 170 -17.11 16.51 -4.80
C GLY A 170 -15.92 15.83 -5.53
N ASN A 171 -15.18 16.59 -6.29
CA ASN A 171 -14.02 16.06 -6.97
C ASN A 171 -12.86 15.86 -6.00
N ALA A 172 -11.78 15.26 -6.54
CA ALA A 172 -10.63 14.89 -5.70
C ALA A 172 -9.93 16.05 -5.05
N SER A 173 -10.15 17.29 -5.53
CA SER A 173 -9.52 18.45 -4.91
C SER A 173 -10.30 18.99 -3.71
N THR A 174 -11.47 18.42 -3.43
CA THR A 174 -12.34 18.90 -2.37
C THR A 174 -12.14 18.06 -1.11
N PRO A 175 -12.61 18.55 0.05
CA PRO A 175 -12.30 17.87 1.27
C PRO A 175 -12.81 16.43 1.38
N THR A 176 -13.95 16.11 0.78
CA THR A 176 -14.55 14.78 0.87
C THR A 176 -14.41 13.99 -0.41
N GLY A 177 -13.73 14.51 -1.43
CA GLY A 177 -13.64 13.77 -2.66
C GLY A 177 -12.82 12.52 -2.53
N ILE A 178 -13.12 11.55 -3.38
CA ILE A 178 -12.28 10.36 -3.52
C ILE A 178 -11.04 10.77 -4.33
N LYS A 179 -9.84 10.56 -3.73
CA LYS A 179 -8.62 11.12 -4.30
C LYS A 179 -8.00 10.29 -5.40
N GLY A 180 -8.18 8.95 -5.36
CA GLY A 180 -7.50 8.11 -6.30
C GLY A 180 -8.35 6.98 -6.82
N TYR A 181 -8.00 6.55 -8.05
CA TYR A 181 -8.61 5.40 -8.66
C TYR A 181 -7.53 4.49 -9.18
N SER A 182 -7.76 3.17 -9.04
CA SER A 182 -6.83 2.16 -9.55
C SER A 182 -7.35 1.55 -10.84
N ILE A 183 -6.41 1.25 -11.73
CA ILE A 183 -6.70 0.52 -12.98
C ILE A 183 -6.79 -0.99 -12.60
N ASP A 184 -7.94 -1.37 -12.04
CA ASP A 184 -8.17 -2.79 -11.71
C ASP A 184 -7.12 -3.29 -10.70
N ASN A 185 -6.85 -4.58 -10.77
CA ASN A 185 -6.07 -5.27 -9.74
C ASN A 185 -5.36 -6.44 -10.43
N GLU A 186 -4.04 -6.52 -10.25
CA GLU A 186 -3.25 -7.70 -10.62
C GLU A 186 -3.60 -8.19 -12.03
N PRO A 187 -3.35 -7.36 -13.05
CA PRO A 187 -3.72 -7.74 -14.42
C PRO A 187 -2.99 -8.98 -14.91
N ALA A 188 -1.72 -9.20 -14.54
CA ALA A 188 -1.04 -10.38 -14.97
C ALA A 188 -1.61 -11.66 -14.36
N LEU A 189 -2.45 -11.52 -13.34
CA LEU A 189 -3.18 -12.67 -12.77
C LEU A 189 -4.64 -12.70 -13.25
N TRP A 190 -5.09 -11.81 -14.14
CA TRP A 190 -6.47 -11.88 -14.59
C TRP A 190 -6.81 -13.28 -15.11
N SER A 191 -5.92 -13.85 -15.93
CA SER A 191 -6.26 -15.14 -16.54
C SER A 191 -6.22 -16.32 -15.54
N HIS A 192 -5.66 -16.10 -14.35
CA HIS A 192 -5.63 -17.10 -13.30
C HIS A 192 -6.76 -16.87 -12.27
N THR A 193 -6.92 -15.65 -11.80
CA THR A 193 -7.92 -15.33 -10.78
C THR A 193 -9.31 -15.21 -11.39
N HIS A 194 -9.39 -14.58 -12.58
CA HIS A 194 -10.67 -14.25 -13.22
C HIS A 194 -10.75 -14.80 -14.66
N PRO A 195 -10.52 -16.12 -14.83
CA PRO A 195 -10.53 -16.67 -16.20
C PRO A 195 -11.90 -16.56 -16.91
N ARG A 196 -12.98 -16.46 -16.14
CA ARG A 196 -14.32 -16.34 -16.75
C ARG A 196 -14.59 -14.94 -17.26
N ILE A 197 -13.76 -13.96 -16.83
CA ILE A 197 -13.80 -12.60 -17.39
C ILE A 197 -12.77 -12.42 -18.48
N HIS A 198 -11.54 -12.92 -18.24
CA HIS A 198 -10.39 -12.60 -19.08
C HIS A 198 -9.53 -13.83 -19.21
N PRO A 199 -9.98 -14.81 -20.01
CA PRO A 199 -9.29 -16.09 -20.10
C PRO A 199 -7.87 -16.02 -20.66
N ASP A 200 -7.59 -15.05 -21.53
CA ASP A 200 -6.28 -15.00 -22.17
C ASP A 200 -5.26 -14.30 -21.24
N ASN A 201 -4.01 -14.71 -21.30
CA ASN A 201 -2.97 -14.05 -20.53
C ASN A 201 -2.82 -12.62 -21.07
N VAL A 202 -2.85 -11.62 -20.17
CA VAL A 202 -2.85 -10.24 -20.63
C VAL A 202 -1.60 -9.91 -21.40
N THR A 203 -1.74 -9.16 -22.49
CA THR A 203 -0.59 -8.64 -23.21
C THR A 203 -0.16 -7.28 -22.67
N ALA A 204 1.12 -7.00 -22.84
CA ALA A 204 1.59 -5.66 -22.52
C ALA A 204 0.82 -4.59 -23.33
N LYS A 205 0.58 -4.86 -24.61
CA LYS A 205 -0.13 -3.88 -25.44
C LYS A 205 -1.56 -3.66 -24.91
N GLU A 206 -2.29 -4.72 -24.55
CA GLU A 206 -3.64 -4.52 -24.06
C GLU A 206 -3.60 -3.71 -22.75
N LEU A 207 -2.66 -4.06 -21.85
CA LEU A 207 -2.65 -3.36 -20.57
C LEU A 207 -2.41 -1.86 -20.77
N ILE A 208 -1.46 -1.49 -21.65
CA ILE A 208 -1.27 -0.04 -21.88
C ILE A 208 -2.50 0.59 -22.50
N GLU A 209 -3.07 -0.07 -23.53
CA GLU A 209 -4.24 0.53 -24.19
C GLU A 209 -5.33 0.81 -23.19
N LYS A 210 -5.63 -0.17 -22.33
CA LYS A 210 -6.69 -0.01 -21.35
C LYS A 210 -6.35 1.07 -20.33
N SER A 211 -5.09 1.07 -19.88
CA SER A 211 -4.71 2.01 -18.84
C SER A 211 -4.86 3.46 -19.33
N VAL A 212 -4.37 3.70 -20.56
CA VAL A 212 -4.46 5.01 -21.17
C VAL A 212 -5.92 5.42 -21.34
N ALA A 213 -6.73 4.50 -21.92
CA ALA A 213 -8.12 4.82 -22.18
C ALA A 213 -8.91 5.08 -20.88
N LEU A 214 -8.69 4.25 -19.86
CA LEU A 214 -9.43 4.45 -18.61
C LEU A 214 -8.98 5.75 -17.94
N SER A 215 -7.67 6.01 -17.92
CA SER A 215 -7.20 7.23 -17.30
C SER A 215 -7.81 8.47 -17.96
N LYS A 216 -7.81 8.50 -19.33
CA LYS A 216 -8.43 9.62 -20.04
C LYS A 216 -9.88 9.79 -19.63
N ALA A 217 -10.62 8.67 -19.57
CA ALA A 217 -12.03 8.74 -19.27
C ALA A 217 -12.28 9.33 -17.87
N VAL A 218 -11.49 8.86 -16.90
CA VAL A 218 -11.63 9.35 -15.52
C VAL A 218 -11.29 10.82 -15.44
N LYS A 219 -10.17 11.22 -16.06
CA LYS A 219 -9.70 12.61 -15.91
C LYS A 219 -10.59 13.62 -16.62
N LYS A 220 -11.40 13.20 -17.61
CA LYS A 220 -12.39 14.10 -18.17
C LYS A 220 -13.47 14.43 -17.15
N VAL A 221 -13.78 13.50 -16.24
CA VAL A 221 -14.81 13.73 -15.21
C VAL A 221 -14.19 14.44 -14.00
N ASP A 222 -13.01 13.98 -13.56
CA ASP A 222 -12.33 14.51 -12.38
C ASP A 222 -10.89 14.75 -12.73
N PRO A 223 -10.56 15.96 -13.21
CA PRO A 223 -9.18 16.24 -13.61
C PRO A 223 -8.20 16.16 -12.46
N TYR A 224 -8.70 16.17 -11.22
CA TYR A 224 -7.82 16.20 -10.05
C TYR A 224 -7.57 14.81 -9.50
N ALA A 225 -8.29 13.80 -9.98
CA ALA A 225 -8.14 12.44 -9.42
C ALA A 225 -6.80 11.84 -9.86
N GLU A 226 -6.21 11.07 -8.96
CA GLU A 226 -4.93 10.40 -9.26
C GLU A 226 -5.20 9.00 -9.76
N ILE A 227 -4.51 8.64 -10.84
CA ILE A 227 -4.61 7.29 -11.40
C ILE A 227 -3.41 6.47 -10.97
N PHE A 228 -3.73 5.28 -10.43
CA PHE A 228 -2.78 4.31 -9.92
C PHE A 228 -2.76 3.09 -10.84
N GLY A 229 -1.56 2.60 -11.16
CA GLY A 229 -1.46 1.34 -11.86
C GLY A 229 -0.01 0.91 -11.90
N PRO A 230 0.24 -0.37 -12.22
CA PRO A 230 -0.73 -1.36 -12.67
C PRO A 230 -1.28 -2.31 -11.61
N ALA A 231 -0.93 -2.06 -10.32
CA ALA A 231 -1.39 -2.95 -9.23
C ALA A 231 -0.85 -4.37 -9.45
N LEU A 232 0.44 -4.44 -9.79
CA LEU A 232 1.08 -5.73 -10.12
C LEU A 232 1.21 -6.62 -8.90
N TYR A 233 1.03 -7.93 -9.08
CA TYR A 233 0.90 -8.79 -7.93
C TYR A 233 2.23 -9.03 -7.19
N GLY A 234 3.34 -8.97 -7.92
CA GLY A 234 4.62 -9.38 -7.34
C GLY A 234 5.68 -9.35 -8.41
N PHE A 235 6.89 -9.74 -8.00
CA PHE A 235 8.08 -9.46 -8.80
C PHE A 235 7.99 -10.00 -10.22
N ALA A 236 7.50 -11.22 -10.44
CA ALA A 236 7.49 -11.72 -11.82
C ALA A 236 6.63 -10.85 -12.75
N ALA A 237 5.59 -10.22 -12.20
CA ALA A 237 4.83 -9.26 -12.99
C ALA A 237 5.61 -7.96 -13.22
N TYR A 238 6.35 -7.50 -12.18
CA TYR A 238 7.22 -6.33 -12.37
C TYR A 238 8.20 -6.60 -13.53
N GLU A 239 8.71 -7.84 -13.59
CA GLU A 239 9.79 -8.09 -14.53
C GLU A 239 9.29 -8.31 -15.96
N THR A 240 8.27 -9.14 -16.13
CA THR A 240 7.86 -9.60 -17.47
C THR A 240 6.33 -9.63 -17.63
N LEU A 241 5.58 -9.01 -16.71
CA LEU A 241 4.12 -9.10 -16.76
C LEU A 241 3.71 -10.58 -16.82
N GLN A 242 4.37 -11.40 -15.98
CA GLN A 242 4.10 -12.84 -15.89
C GLN A 242 4.26 -13.51 -17.27
N SER A 243 5.45 -13.32 -17.84
CA SER A 243 5.76 -13.96 -19.11
C SER A 243 4.69 -13.56 -20.16
N ALA A 244 4.37 -12.27 -20.24
CA ALA A 244 3.26 -11.86 -21.11
C ALA A 244 3.56 -12.31 -22.53
N PRO A 245 2.51 -12.69 -23.30
CA PRO A 245 2.76 -13.30 -24.61
C PRO A 245 3.46 -12.42 -25.62
N ASP A 246 3.35 -11.11 -25.48
CA ASP A 246 3.99 -10.15 -26.39
C ASP A 246 5.24 -9.51 -25.79
N TRP A 247 5.73 -10.02 -24.62
CA TRP A 247 6.86 -9.34 -23.99
C TRP A 247 8.16 -9.47 -24.78
N GLY A 248 8.30 -10.54 -25.56
CA GLY A 248 9.53 -10.69 -26.37
C GLY A 248 9.67 -9.60 -27.40
N THR A 249 8.56 -9.06 -27.90
CA THR A 249 8.61 -7.96 -28.84
C THR A 249 8.49 -6.63 -28.13
N GLU A 250 7.46 -6.48 -27.27
CA GLU A 250 7.26 -5.18 -26.64
C GLU A 250 8.41 -4.79 -25.70
N GLY A 251 9.02 -5.80 -25.07
CA GLY A 251 10.06 -5.52 -24.08
C GLY A 251 11.44 -5.33 -24.63
N GLU A 252 11.59 -5.32 -25.95
CA GLU A 252 12.93 -5.12 -26.53
C GLU A 252 13.50 -3.79 -26.06
N GLY A 253 14.71 -3.82 -25.48
CA GLY A 253 15.36 -2.59 -25.01
C GLY A 253 14.96 -2.15 -23.60
N TYR A 254 14.05 -2.90 -22.96
CA TYR A 254 13.63 -2.56 -21.60
C TYR A 254 14.16 -3.59 -20.61
N ARG A 255 14.70 -3.09 -19.50
CA ARG A 255 15.28 -3.94 -18.50
C ARG A 255 14.20 -4.80 -17.80
N TRP A 256 13.01 -4.23 -17.64
CA TRP A 256 11.88 -4.93 -17.02
C TRP A 256 10.60 -4.22 -17.44
N PHE A 257 9.47 -4.90 -17.21
CA PHE A 257 8.16 -4.37 -17.54
C PHE A 257 7.89 -3.04 -16.84
N ILE A 258 8.38 -2.84 -15.60
CA ILE A 258 8.18 -1.53 -14.96
C ILE A 258 8.61 -0.40 -15.87
N ASP A 259 9.79 -0.53 -16.52
CA ASP A 259 10.27 0.55 -17.40
C ASP A 259 9.39 0.75 -18.61
N TYR A 260 8.94 -0.36 -19.23
CA TYR A 260 8.02 -0.28 -20.36
C TYR A 260 6.73 0.46 -19.96
N TYR A 261 6.17 0.07 -18.80
CA TYR A 261 4.91 0.69 -18.37
C TYR A 261 5.09 2.17 -18.18
N LEU A 262 6.15 2.56 -17.45
CA LEU A 262 6.39 3.99 -17.23
C LEU A 262 6.59 4.72 -18.56
N ASP A 263 7.42 4.15 -19.45
CA ASP A 263 7.77 4.82 -20.68
C ASP A 263 6.50 4.98 -21.56
N LYS A 264 5.72 3.93 -21.68
CA LYS A 264 4.53 3.99 -22.52
C LYS A 264 3.46 4.93 -21.92
N MET A 265 3.32 4.92 -20.58
CA MET A 265 2.36 5.88 -19.99
C MET A 265 2.86 7.33 -20.16
N LYS A 266 4.17 7.56 -20.08
CA LYS A 266 4.71 8.90 -20.33
C LYS A 266 4.44 9.29 -21.80
N LYS A 267 4.70 8.37 -22.74
CA LYS A 267 4.50 8.68 -24.15
C LYS A 267 3.03 9.05 -24.39
N ALA A 268 2.11 8.24 -23.84
CA ALA A 268 0.71 8.52 -24.02
C ALA A 268 0.35 9.86 -23.42
N SER A 269 0.87 10.18 -22.23
CA SER A 269 0.61 11.46 -21.57
C SER A 269 1.16 12.62 -22.43
N ASP A 270 2.36 12.46 -22.98
CA ASP A 270 2.96 13.50 -23.84
C ASP A 270 2.13 13.71 -25.09
N GLU A 271 1.53 12.66 -25.63
CA GLU A 271 0.66 12.81 -26.80
C GLU A 271 -0.64 13.46 -26.43
N GLU A 272 -1.19 13.14 -25.26
CA GLU A 272 -2.46 13.66 -24.84
C GLU A 272 -2.37 15.11 -24.33
N GLY A 273 -1.24 15.46 -23.71
CA GLY A 273 -1.01 16.76 -23.13
C GLY A 273 -1.33 16.89 -21.66
N LYS A 274 -1.45 15.75 -20.95
CA LYS A 274 -1.59 15.81 -19.50
C LYS A 274 -1.15 14.47 -18.92
N ARG A 275 -0.81 14.49 -17.63
CA ARG A 275 -0.36 13.28 -16.97
C ARG A 275 -1.48 12.26 -16.87
N LEU A 276 -1.22 11.02 -17.32
CA LEU A 276 -2.23 9.98 -17.28
C LEU A 276 -1.91 8.90 -16.25
N LEU A 277 -0.67 8.85 -15.74
CA LEU A 277 -0.31 7.94 -14.65
C LEU A 277 0.21 8.83 -13.52
N ASP A 278 -0.48 8.80 -12.37
CA ASP A 278 -0.01 9.58 -11.23
C ASP A 278 0.87 8.76 -10.29
N VAL A 279 0.54 7.48 -10.12
CA VAL A 279 1.15 6.66 -9.10
C VAL A 279 1.43 5.26 -9.66
N LEU A 280 2.71 4.88 -9.68
CA LEU A 280 3.13 3.51 -9.96
C LEU A 280 2.76 2.67 -8.74
N ASP A 281 1.95 1.63 -8.96
CA ASP A 281 1.28 0.89 -7.88
C ASP A 281 1.64 -0.58 -8.00
N VAL A 282 2.27 -1.13 -6.95
CA VAL A 282 2.64 -2.52 -6.95
C VAL A 282 2.23 -3.16 -5.61
N HIS A 283 2.15 -4.50 -5.65
CA HIS A 283 1.93 -5.32 -4.46
C HIS A 283 3.25 -6.01 -4.15
N TRP A 284 3.61 -6.06 -2.85
CA TRP A 284 4.88 -6.63 -2.43
C TRP A 284 4.62 -7.49 -1.18
N TYR A 285 4.46 -8.80 -1.42
CA TYR A 285 4.42 -9.76 -0.34
C TYR A 285 5.80 -10.36 -0.30
N PRO A 286 6.58 -10.12 0.79
CA PRO A 286 7.97 -10.59 0.82
C PRO A 286 8.06 -12.07 0.51
N GLU A 287 9.06 -12.41 -0.30
CA GLU A 287 9.43 -13.80 -0.53
C GLU A 287 10.51 -14.27 0.47
N ALA A 288 11.01 -13.37 1.28
CA ALA A 288 12.05 -13.72 2.26
C ALA A 288 11.64 -14.97 3.06
N ARG A 289 12.64 -15.84 3.25
CA ARG A 289 12.45 -17.07 4.01
C ARG A 289 13.40 -17.08 5.22
N GLY A 290 12.97 -17.81 6.25
CA GLY A 290 13.91 -18.16 7.33
C GLY A 290 13.37 -19.42 7.98
N GLY A 291 14.25 -20.23 8.52
CA GLY A 291 13.76 -21.45 9.20
C GLY A 291 13.02 -22.38 8.25
N GLY A 292 13.31 -22.30 6.97
CA GLY A 292 12.73 -23.23 6.01
C GLY A 292 11.34 -22.83 5.53
N GLU A 293 10.90 -21.57 5.72
CA GLU A 293 9.56 -21.19 5.26
C GLU A 293 9.58 -19.68 4.96
N ARG A 294 8.62 -19.29 4.12
CA ARG A 294 8.36 -17.86 3.83
C ARG A 294 7.91 -17.16 5.10
N ILE A 295 8.22 -15.84 5.22
CA ILE A 295 7.83 -15.11 6.42
C ILE A 295 6.36 -14.76 6.49
N CYS A 296 5.62 -14.88 5.37
CA CYS A 296 4.21 -14.64 5.33
C CYS A 296 3.53 -15.88 4.68
N PHE A 297 2.20 -15.89 4.78
CA PHE A 297 1.37 -16.94 4.17
C PHE A 297 1.65 -18.30 4.87
N GLY A 298 1.09 -18.44 6.06
CA GLY A 298 1.20 -19.73 6.76
C GLY A 298 2.47 -19.98 7.60
N ALA A 299 3.14 -18.87 7.99
CA ALA A 299 4.36 -18.99 8.76
C ALA A 299 4.06 -19.39 10.19
N ASP A 300 4.92 -20.20 10.78
CA ASP A 300 4.74 -20.66 12.15
C ASP A 300 5.42 -19.68 13.11
N PRO A 301 4.66 -19.02 14.00
CA PRO A 301 5.28 -18.03 14.90
C PRO A 301 6.21 -18.64 15.96
N ARG A 302 6.20 -19.97 16.10
CA ARG A 302 7.18 -20.64 16.97
C ARG A 302 8.55 -20.75 16.34
N ASN A 303 8.64 -20.53 15.02
CA ASN A 303 9.89 -20.79 14.31
C ASN A 303 10.77 -19.53 14.43
N ILE A 304 11.70 -19.60 15.37
CA ILE A 304 12.51 -18.43 15.71
C ILE A 304 13.32 -17.98 14.50
N GLU A 305 13.85 -18.88 13.68
CA GLU A 305 14.58 -18.47 12.49
C GLU A 305 13.70 -17.74 11.50
N THR A 306 12.45 -18.16 11.37
CA THR A 306 11.51 -17.38 10.51
C THR A 306 11.31 -15.98 11.10
N ASN A 307 11.08 -15.95 12.43
CA ASN A 307 10.85 -14.63 13.08
C ASN A 307 12.07 -13.71 12.89
N LYS A 308 13.29 -14.27 13.00
CA LYS A 308 14.50 -13.46 12.82
C LYS A 308 14.56 -12.96 11.36
N ALA A 309 14.22 -13.82 10.39
CA ALA A 309 14.25 -13.39 9.00
C ALA A 309 13.19 -12.30 8.77
N ARG A 310 12.04 -12.39 9.44
CA ARG A 310 11.01 -11.34 9.29
C ARG A 310 11.55 -9.98 9.72
N LEU A 311 12.33 -9.98 10.84
CA LEU A 311 12.89 -8.73 11.31
C LEU A 311 13.85 -8.10 10.32
N GLN A 312 14.60 -8.90 9.56
CA GLN A 312 15.56 -8.35 8.61
C GLN A 312 14.96 -8.07 7.23
N ALA A 313 13.84 -8.74 6.88
CA ALA A 313 13.30 -8.65 5.54
C ALA A 313 13.02 -7.23 5.05
N PRO A 314 12.61 -6.29 5.91
CA PRO A 314 12.37 -4.93 5.40
C PRO A 314 13.64 -4.35 4.72
N ARG A 315 14.83 -4.84 5.06
CA ARG A 315 16.03 -4.33 4.42
C ARG A 315 16.06 -4.58 2.92
N THR A 316 15.35 -5.60 2.42
CA THR A 316 15.30 -5.76 0.95
C THR A 316 14.67 -4.55 0.26
N LEU A 317 13.85 -3.79 1.01
CA LEU A 317 13.26 -2.60 0.44
C LEU A 317 14.30 -1.53 0.08
N TRP A 318 15.40 -1.40 0.87
CA TRP A 318 16.25 -0.23 0.78
C TRP A 318 17.75 -0.51 0.82
N ASP A 319 18.20 -1.60 1.42
CA ASP A 319 19.60 -1.72 1.85
C ASP A 319 20.36 -2.53 0.80
N PRO A 320 21.31 -1.90 0.06
CA PRO A 320 22.02 -2.67 -0.96
C PRO A 320 22.89 -3.78 -0.39
N THR A 321 23.20 -3.76 0.90
CA THR A 321 24.05 -4.80 1.45
C THR A 321 23.29 -6.06 1.85
N TYR A 322 21.95 -6.02 1.82
CA TYR A 322 21.17 -7.14 2.35
C TYR A 322 20.63 -8.05 1.23
N ILE A 323 21.00 -9.34 1.29
CA ILE A 323 20.55 -10.35 0.33
C ILE A 323 19.71 -11.38 1.12
N GLU A 324 18.41 -11.31 0.93
CA GLU A 324 17.50 -12.20 1.58
C GLU A 324 17.61 -13.62 1.01
N ASP A 325 17.07 -14.58 1.78
CA ASP A 325 16.97 -15.97 1.34
C ASP A 325 15.64 -16.12 0.57
N SER A 326 15.69 -15.96 -0.74
CA SER A 326 14.50 -16.14 -1.58
C SER A 326 14.97 -16.25 -3.02
N TRP A 327 14.04 -16.63 -3.91
CA TRP A 327 14.38 -16.67 -5.33
C TRP A 327 14.72 -15.30 -5.88
N ILE A 328 14.13 -14.24 -5.29
CA ILE A 328 14.43 -12.87 -5.69
C ILE A 328 15.84 -12.51 -5.25
N GLY A 329 16.16 -12.80 -3.98
CA GLY A 329 17.53 -12.54 -3.49
C GLY A 329 18.59 -13.30 -4.27
N GLN A 330 18.26 -14.53 -4.68
CA GLN A 330 19.25 -15.33 -5.41
C GLN A 330 19.40 -14.89 -6.87
N TRP A 331 18.28 -14.76 -7.60
CA TRP A 331 18.32 -14.62 -9.05
C TRP A 331 18.11 -13.22 -9.56
N LYS A 332 17.67 -12.30 -8.70
CA LYS A 332 17.24 -10.99 -9.16
C LYS A 332 17.97 -9.86 -8.43
N LYS A 333 19.26 -10.11 -8.08
CA LYS A 333 20.05 -9.09 -7.40
C LYS A 333 20.12 -7.78 -8.16
N ASP A 334 20.05 -7.83 -9.50
CA ASP A 334 20.10 -6.62 -10.29
C ASP A 334 18.94 -5.67 -10.05
N PHE A 335 17.87 -6.17 -9.39
CA PHE A 335 16.67 -5.36 -9.14
C PHE A 335 16.48 -5.03 -7.65
N LEU A 336 17.49 -5.38 -6.82
CA LEU A 336 17.44 -5.12 -5.37
C LEU A 336 18.49 -4.07 -5.03
N PRO A 337 18.22 -3.22 -4.03
CA PRO A 337 17.02 -3.19 -3.20
C PRO A 337 15.84 -2.67 -3.99
N ILE A 338 14.61 -3.11 -3.65
CA ILE A 338 13.51 -2.92 -4.59
C ILE A 338 13.03 -1.48 -4.65
N LEU A 339 12.91 -0.74 -3.54
CA LEU A 339 12.38 0.61 -3.65
C LEU A 339 13.32 1.51 -4.49
N PRO A 340 14.62 1.51 -4.25
CA PRO A 340 15.49 2.36 -5.11
C PRO A 340 15.42 1.94 -6.56
N ASN A 341 15.27 0.63 -6.86
CA ASN A 341 15.14 0.22 -8.26
C ASN A 341 13.85 0.79 -8.89
N LEU A 342 12.73 0.71 -8.15
CA LEU A 342 11.48 1.27 -8.68
C LEU A 342 11.61 2.79 -8.86
N LEU A 343 12.19 3.46 -7.84
CA LEU A 343 12.30 4.92 -7.91
C LEU A 343 13.29 5.36 -9.04
N ASP A 344 14.34 4.58 -9.24
CA ASP A 344 15.29 4.86 -10.34
C ASP A 344 14.61 4.71 -11.67
N SER A 345 13.74 3.69 -11.82
CA SER A 345 12.97 3.56 -13.04
C SER A 345 12.04 4.74 -13.27
N ILE A 346 11.37 5.20 -12.21
CA ILE A 346 10.56 6.40 -12.33
C ILE A 346 11.41 7.60 -12.83
N GLU A 347 12.60 7.78 -12.20
CA GLU A 347 13.44 8.93 -12.60
C GLU A 347 13.85 8.85 -14.06
N LYS A 348 14.08 7.63 -14.56
CA LYS A 348 14.56 7.47 -15.92
C LYS A 348 13.43 7.57 -16.95
N TYR A 349 12.25 7.01 -16.64
CA TYR A 349 11.21 6.84 -17.64
C TYR A 349 9.95 7.69 -17.43
N TYR A 350 9.63 8.12 -16.20
CA TYR A 350 8.48 9.01 -16.06
C TYR A 350 8.65 9.84 -14.80
N PRO A 351 9.58 10.81 -14.82
CA PRO A 351 9.87 11.61 -13.63
C PRO A 351 8.61 12.23 -13.07
N GLY A 352 8.55 12.30 -11.73
CA GLY A 352 7.40 12.94 -11.10
C GLY A 352 6.27 11.96 -10.75
N THR A 353 6.34 10.74 -11.28
CA THR A 353 5.38 9.70 -10.90
C THR A 353 5.65 9.30 -9.45
N LYS A 354 4.55 9.10 -8.71
CA LYS A 354 4.65 8.70 -7.32
C LYS A 354 4.71 7.14 -7.23
N LEU A 355 4.98 6.63 -6.03
CA LEU A 355 5.10 5.17 -5.84
C LEU A 355 4.19 4.74 -4.70
N ALA A 356 3.39 3.68 -4.93
CA ALA A 356 2.53 3.16 -3.87
C ALA A 356 2.70 1.65 -3.79
N ILE A 357 2.62 1.16 -2.54
CA ILE A 357 2.65 -0.29 -2.24
C ILE A 357 1.26 -0.61 -1.70
N THR A 358 0.36 -1.05 -2.62
CA THR A 358 -1.05 -1.10 -2.29
C THR A 358 -1.51 -2.44 -1.67
N GLU A 359 -0.63 -3.44 -1.64
CA GLU A 359 -0.82 -4.60 -0.78
C GLU A 359 0.57 -5.02 -0.32
N TYR A 360 0.68 -5.44 0.94
CA TYR A 360 1.88 -6.03 1.48
C TYR A 360 1.47 -6.66 2.81
N ASP A 361 2.31 -7.58 3.30
CA ASP A 361 2.13 -8.23 4.63
C ASP A 361 3.42 -8.94 4.91
N TYR A 362 4.10 -8.54 6.02
CA TYR A 362 5.34 -9.18 6.44
C TYR A 362 5.11 -10.41 7.34
N GLY A 363 3.85 -10.75 7.56
CA GLY A 363 3.55 -11.93 8.35
C GLY A 363 3.72 -11.68 9.83
N GLY A 364 3.51 -12.77 10.60
CA GLY A 364 3.70 -12.66 12.03
C GLY A 364 2.85 -11.58 12.68
N GLY A 365 1.64 -11.35 12.16
CA GLY A 365 0.92 -10.12 12.53
C GLY A 365 0.43 -10.13 13.96
N ASN A 366 0.34 -11.32 14.56
CA ASN A 366 -0.01 -11.50 15.97
C ASN A 366 1.22 -11.81 16.83
N HIS A 367 2.41 -11.47 16.32
CA HIS A 367 3.68 -11.73 17.01
C HIS A 367 4.47 -10.43 17.07
N ILE A 368 5.32 -10.29 18.09
CA ILE A 368 6.12 -9.08 18.23
C ILE A 368 6.91 -8.80 16.93
N THR A 369 7.43 -9.83 16.27
CA THR A 369 8.25 -9.56 15.08
C THR A 369 7.41 -9.02 13.92
N GLY A 370 6.12 -9.36 13.84
CA GLY A 370 5.29 -8.72 12.84
C GLY A 370 5.07 -7.25 13.13
N GLY A 371 5.02 -6.88 14.42
CA GLY A 371 4.87 -5.47 14.79
C GLY A 371 6.15 -4.67 14.55
N ILE A 372 7.30 -5.23 14.92
CA ILE A 372 8.56 -4.56 14.66
C ILE A 372 8.79 -4.44 13.16
N ALA A 373 8.58 -5.51 12.41
CA ALA A 373 8.77 -5.41 10.95
C ALA A 373 7.82 -4.37 10.37
N GLN A 374 6.55 -4.35 10.82
CA GLN A 374 5.60 -3.35 10.31
C GLN A 374 6.11 -1.93 10.59
N ALA A 375 6.56 -1.67 11.84
CA ALA A 375 7.06 -0.34 12.16
C ALA A 375 8.28 0.00 11.30
N ASP A 376 9.13 -1.01 11.02
CA ASP A 376 10.33 -0.77 10.22
C ASP A 376 9.90 -0.38 8.80
N VAL A 377 8.99 -1.18 8.19
CA VAL A 377 8.49 -0.91 6.86
C VAL A 377 7.91 0.49 6.76
N LEU A 378 7.07 0.88 7.74
CA LEU A 378 6.49 2.23 7.67
C LEU A 378 7.59 3.33 7.75
N GLY A 379 8.62 3.09 8.57
CA GLY A 379 9.74 4.03 8.64
C GLY A 379 10.43 4.15 7.26
N ILE A 380 10.65 3.00 6.62
CA ILE A 380 11.28 2.96 5.31
C ILE A 380 10.40 3.66 4.27
N PHE A 381 9.12 3.35 4.24
CA PHE A 381 8.23 4.01 3.27
C PHE A 381 8.33 5.51 3.41
N GLY A 382 8.35 5.99 4.67
CA GLY A 382 8.39 7.45 4.86
C GLY A 382 9.70 8.03 4.41
N LYS A 383 10.81 7.41 4.82
CA LYS A 383 12.17 7.91 4.58
C LYS A 383 12.50 7.92 3.12
N TYR A 384 12.08 6.87 2.37
CA TYR A 384 12.48 6.68 0.99
C TYR A 384 11.47 7.26 0.03
N GLY A 385 10.38 7.85 0.49
CA GLY A 385 9.53 8.62 -0.39
C GLY A 385 8.37 7.89 -1.02
N VAL A 386 7.92 6.77 -0.42
CA VAL A 386 6.68 6.16 -0.88
C VAL A 386 5.52 7.10 -0.61
N TYR A 387 4.57 7.17 -1.57
CA TYR A 387 3.44 8.08 -1.48
C TYR A 387 2.24 7.53 -0.71
N LEU A 388 1.92 6.26 -0.93
CA LEU A 388 0.72 5.66 -0.34
C LEU A 388 1.07 4.20 -0.11
N ALA A 389 0.55 3.61 1.00
CA ALA A 389 0.71 2.18 1.20
C ALA A 389 -0.50 1.71 1.99
N THR A 390 -0.92 0.47 1.68
CA THR A 390 -2.09 -0.12 2.32
C THR A 390 -1.81 -1.60 2.63
N PHE A 391 -1.71 -1.89 3.93
CA PHE A 391 -1.51 -3.27 4.40
C PHE A 391 -2.70 -4.14 3.96
N TRP A 392 -2.44 -5.40 3.62
CA TRP A 392 -3.49 -6.37 3.36
C TRP A 392 -3.50 -7.41 4.46
N GLY A 393 -4.60 -7.45 5.21
CA GLY A 393 -4.75 -8.39 6.31
C GLY A 393 -5.77 -7.86 7.27
N ASP A 394 -6.27 -8.76 8.14
CA ASP A 394 -7.42 -8.43 8.98
C ASP A 394 -7.05 -7.95 10.39
N ALA A 395 -8.09 -7.69 11.18
CA ALA A 395 -7.94 -7.08 12.48
C ALA A 395 -7.35 -8.01 13.53
N SER A 396 -7.11 -9.29 13.17
CA SER A 396 -6.44 -10.20 14.08
C SER A 396 -4.92 -9.96 14.15
N ASN A 397 -4.40 -9.11 13.25
CA ASN A 397 -2.97 -8.79 13.22
C ASN A 397 -2.66 -7.68 14.23
N ASN A 398 -2.77 -8.02 15.50
CA ASN A 398 -2.71 -7.00 16.57
C ASN A 398 -1.35 -6.30 16.64
N TYR A 399 -0.25 -7.05 16.44
CA TYR A 399 1.06 -6.42 16.42
C TYR A 399 1.26 -5.58 15.17
N THR A 400 0.76 -6.01 13.99
CA THR A 400 0.84 -5.13 12.83
C THR A 400 0.11 -3.82 13.14
N GLU A 401 -1.06 -3.93 13.76
CA GLU A 401 -1.85 -2.75 14.10
C GLU A 401 -1.11 -1.83 15.05
N ALA A 402 -0.41 -2.41 16.07
CA ALA A 402 0.41 -1.61 16.97
C ALA A 402 1.50 -0.88 16.16
N GLY A 403 2.10 -1.57 15.18
CA GLY A 403 3.13 -0.95 14.35
C GLY A 403 2.61 0.29 13.62
N ILE A 404 1.36 0.20 13.12
CA ILE A 404 0.73 1.36 12.48
C ILE A 404 0.47 2.47 13.52
N ASN A 405 -0.22 2.13 14.63
CA ASN A 405 -0.55 3.16 15.63
C ASN A 405 0.69 3.81 16.22
N LEU A 406 1.83 3.12 16.25
CA LEU A 406 3.06 3.75 16.77
C LEU A 406 3.36 5.04 15.96
N TYR A 407 3.00 5.03 14.67
CA TYR A 407 3.14 6.21 13.84
C TYR A 407 1.92 7.12 13.85
N THR A 408 0.72 6.56 13.84
CA THR A 408 -0.47 7.38 13.57
C THR A 408 -1.22 7.82 14.80
N ASN A 409 -1.02 7.16 15.94
CA ASN A 409 -1.87 7.44 17.11
C ASN A 409 -1.19 6.77 18.31
N TYR A 410 -0.01 7.26 18.67
CA TYR A 410 0.77 6.52 19.66
C TYR A 410 0.25 6.64 21.08
N ASP A 411 -0.49 7.74 21.36
CA ASP A 411 -0.95 8.06 22.69
C ASP A 411 -2.45 7.83 22.86
N GLY A 412 -3.15 7.33 21.84
CA GLY A 412 -4.57 7.10 21.91
C GLY A 412 -5.40 8.36 21.74
N LYS A 413 -4.76 9.54 21.61
CA LYS A 413 -5.49 10.79 21.43
C LYS A 413 -5.00 11.56 20.21
N GLY A 414 -4.38 10.84 19.27
CA GLY A 414 -4.04 11.38 17.99
C GLY A 414 -2.58 11.82 17.87
N GLY A 415 -1.74 11.59 18.88
CA GLY A 415 -0.34 11.90 18.72
C GLY A 415 0.22 11.09 17.57
N LYS A 416 1.07 11.71 16.74
CA LYS A 416 1.56 11.05 15.53
C LYS A 416 3.02 11.40 15.28
N PHE A 417 3.69 10.51 14.55
CA PHE A 417 5.03 10.76 14.04
C PHE A 417 5.01 12.05 13.22
N GLY A 418 6.16 12.76 13.21
CA GLY A 418 6.28 13.96 12.40
C GLY A 418 6.08 13.66 10.93
N ASP A 419 5.85 14.75 10.16
CA ASP A 419 5.64 14.69 8.73
C ASP A 419 6.84 15.09 7.89
N THR A 420 7.98 15.42 8.53
CA THR A 420 9.20 15.75 7.79
C THR A 420 10.31 14.84 8.33
N SER A 421 10.79 13.94 7.46
CA SER A 421 11.90 13.09 7.79
C SER A 421 13.18 13.89 7.96
N VAL A 422 14.04 13.54 8.93
CA VAL A 422 15.32 14.16 9.10
C VAL A 422 16.39 13.08 9.22
N LYS A 423 17.65 13.47 9.03
CA LYS A 423 18.74 12.51 9.04
C LYS A 423 18.87 11.80 10.40
N CYS A 424 18.95 10.46 10.35
CA CYS A 424 19.00 9.66 11.58
C CYS A 424 19.72 8.36 11.20
N GLU A 425 20.95 8.19 11.68
CA GLU A 425 21.80 7.06 11.31
C GLU A 425 22.04 6.19 12.51
N THR A 426 22.01 4.87 12.31
CA THR A 426 22.36 3.88 13.34
C THR A 426 23.70 3.24 12.95
N SER A 427 24.55 2.92 13.96
CA SER A 427 25.81 2.22 13.70
C SER A 427 25.60 0.73 13.49
N ASP A 428 24.38 0.20 13.64
CA ASP A 428 24.17 -1.25 13.46
C ASP A 428 22.77 -1.47 12.90
N ILE A 429 22.70 -1.59 11.57
CA ILE A 429 21.44 -1.73 10.87
C ILE A 429 20.84 -3.12 10.97
N GLU A 430 21.60 -4.09 11.49
CA GLU A 430 21.08 -5.44 11.69
C GLU A 430 20.32 -5.55 13.03
N VAL A 431 20.88 -4.98 14.11
CA VAL A 431 20.24 -5.10 15.40
C VAL A 431 19.19 -4.04 15.64
N SER A 432 19.19 -2.97 14.84
CA SER A 432 18.31 -1.85 15.10
C SER A 432 17.87 -1.17 13.87
N SER A 433 16.80 -0.38 14.02
CA SER A 433 16.43 0.65 13.05
C SER A 433 16.05 1.90 13.84
N ALA A 434 16.21 3.07 13.20
CA ALA A 434 15.79 4.29 13.82
C ALA A 434 15.39 5.27 12.72
N TYR A 435 14.25 5.93 12.96
CA TYR A 435 13.73 6.94 12.05
C TYR A 435 13.40 8.18 12.83
N ALA A 436 13.69 9.36 12.28
CA ALA A 436 13.45 10.60 13.00
C ALA A 436 12.65 11.57 12.10
N SER A 437 11.84 12.39 12.78
CA SER A 437 11.06 13.36 12.04
C SER A 437 10.75 14.56 12.94
N ILE A 438 10.39 15.63 12.23
CA ILE A 438 9.89 16.87 12.86
C ILE A 438 8.54 17.20 12.21
N VAL A 439 7.92 18.32 12.65
CA VAL A 439 6.64 18.74 12.16
C VAL A 439 6.85 19.95 11.26
N GLY A 440 6.54 19.81 9.98
CA GLY A 440 6.75 20.93 9.06
C GLY A 440 8.21 21.25 8.96
N GLU A 441 8.52 22.52 9.21
CA GLU A 441 9.88 22.99 9.19
C GLU A 441 10.45 23.21 10.60
N ASP A 442 9.72 22.76 11.63
CA ASP A 442 9.97 23.16 13.02
C ASP A 442 10.52 22.00 13.81
N ASP A 443 11.75 22.10 14.31
CA ASP A 443 12.37 21.01 15.08
C ASP A 443 12.11 21.13 16.59
N SER A 444 11.11 21.91 17.01
CA SER A 444 10.85 22.04 18.45
C SER A 444 10.51 20.69 19.09
N LYS A 445 9.77 19.83 18.38
CA LYS A 445 9.51 18.45 18.83
C LYS A 445 10.14 17.52 17.83
N LEU A 446 11.01 16.67 18.36
CA LEU A 446 11.73 15.68 17.54
C LEU A 446 11.19 14.31 17.89
N HIS A 447 10.65 13.63 16.87
CA HIS A 447 10.10 12.29 17.00
C HIS A 447 11.09 11.25 16.53
N ILE A 448 11.24 10.16 17.31
CA ILE A 448 12.15 9.11 16.95
C ILE A 448 11.45 7.77 17.11
N ILE A 449 11.41 6.96 16.06
CA ILE A 449 10.99 5.55 16.18
C ILE A 449 12.26 4.75 16.30
N LEU A 450 12.36 3.97 17.38
CA LEU A 450 13.56 3.23 17.72
C LEU A 450 13.17 1.76 17.88
N LEU A 451 13.73 0.91 17.02
CA LEU A 451 13.36 -0.52 16.99
C LEU A 451 14.57 -1.34 17.41
N ASN A 452 14.37 -2.14 18.47
CA ASN A 452 15.41 -3.08 18.89
C ASN A 452 15.06 -4.46 18.37
N LYS A 453 15.81 -4.92 17.36
CA LYS A 453 15.63 -6.22 16.74
C LYS A 453 16.42 -7.33 17.48
N ASN A 454 17.18 -6.97 18.52
CA ASN A 454 17.92 -7.97 19.26
C ASN A 454 16.90 -8.95 19.85
N TYR A 455 17.10 -10.24 19.60
CA TYR A 455 16.06 -11.22 19.97
C TYR A 455 16.06 -11.51 21.43
N ASP A 456 17.25 -11.54 22.00
CA ASP A 456 17.28 -12.08 23.38
C ASP A 456 18.25 -11.33 24.28
N GLN A 457 18.51 -10.06 24.01
CA GLN A 457 19.28 -9.20 24.90
C GLN A 457 18.81 -7.78 24.71
N PRO A 458 18.92 -6.94 25.74
CA PRO A 458 18.72 -5.50 25.56
C PRO A 458 19.78 -4.91 24.62
N THR A 459 19.49 -3.71 24.15
CA THR A 459 20.49 -2.95 23.40
C THR A 459 20.57 -1.55 24.00
N THR A 460 21.81 -1.08 24.21
CA THR A 460 22.04 0.28 24.73
C THR A 460 22.29 1.21 23.54
N PHE A 461 21.50 2.27 23.46
CA PHE A 461 21.66 3.24 22.39
C PHE A 461 22.19 4.55 22.94
N ASN A 462 23.33 4.97 22.35
CA ASN A 462 23.89 6.29 22.67
C ASN A 462 23.48 7.27 21.58
N PHE A 463 22.61 8.21 21.94
CA PHE A 463 22.11 9.22 21.01
C PHE A 463 22.94 10.47 21.04
N SER A 464 23.21 11.02 19.85
CA SER A 464 23.83 12.33 19.69
C SER A 464 23.01 13.08 18.65
N ILE A 465 22.49 14.24 19.01
CA ILE A 465 21.56 14.99 18.17
C ILE A 465 22.12 16.39 17.92
N ASP A 466 22.12 16.79 16.64
CA ASP A 466 22.37 18.17 16.26
C ASP A 466 21.03 18.83 15.96
N SER A 467 20.64 19.86 16.70
CA SER A 467 19.35 20.53 16.51
C SER A 467 19.43 21.96 16.84
N SER A 468 18.48 22.78 16.36
CA SER A 468 18.48 24.19 16.79
C SER A 468 17.91 24.39 18.21
N LYS A 469 17.43 23.30 18.81
CA LYS A 469 16.82 23.31 20.13
C LYS A 469 17.69 22.52 21.05
N ASN A 470 17.59 22.83 22.34
CA ASN A 470 18.24 22.05 23.38
C ASN A 470 17.19 21.22 24.10
N TYR A 471 17.07 19.94 23.72
CA TYR A 471 15.99 19.09 24.28
C TYR A 471 16.24 18.73 25.76
N THR A 472 15.14 18.71 26.52
CA THR A 472 15.25 18.43 27.98
C THR A 472 14.39 17.27 28.47
N ILE A 473 13.53 16.73 27.63
CA ILE A 473 12.79 15.55 28.06
C ILE A 473 12.45 14.79 26.77
N GLY A 474 12.48 13.45 26.87
CA GLY A 474 11.99 12.59 25.81
C GLY A 474 10.89 11.69 26.40
N ASN A 475 9.64 11.98 26.08
CA ASN A 475 8.57 11.06 26.46
C ASN A 475 8.61 9.85 25.55
N VAL A 476 8.16 8.70 26.07
CA VAL A 476 8.33 7.45 25.37
C VAL A 476 7.06 6.65 25.41
N TRP A 477 6.67 6.08 24.24
CA TRP A 477 5.59 5.12 24.13
C TRP A 477 6.13 3.87 23.44
N ALA A 478 5.70 2.69 23.87
CA ALA A 478 6.31 1.47 23.31
C ALA A 478 5.36 0.30 23.35
N PHE A 479 5.66 -0.68 22.48
CA PHE A 479 5.06 -2.01 22.59
C PHE A 479 6.19 -3.05 22.57
N ASP A 480 5.83 -4.27 23.03
CA ASP A 480 6.84 -5.30 23.27
C ASP A 480 6.10 -6.65 23.38
N ARG A 481 6.81 -7.71 23.77
CA ARG A 481 6.16 -9.03 23.88
C ARG A 481 5.10 -9.06 24.96
N GLY A 482 5.23 -8.22 25.97
CA GLY A 482 4.22 -8.23 27.03
C GLY A 482 2.84 -7.82 26.55
N SER A 483 2.76 -6.88 25.59
CA SER A 483 1.48 -6.45 25.06
C SER A 483 1.69 -5.71 23.76
N SER A 484 0.75 -5.89 22.82
CA SER A 484 0.65 -5.03 21.66
C SER A 484 -0.01 -3.69 21.96
N ASN A 485 -0.59 -3.50 23.16
CA ASN A 485 -1.06 -2.17 23.50
C ASN A 485 0.15 -1.26 23.62
N ILE A 486 0.08 -0.07 23.04
CA ILE A 486 1.16 0.90 23.16
C ILE A 486 0.99 1.63 24.48
N THR A 487 2.01 1.56 25.36
CA THR A 487 1.91 2.16 26.68
C THR A 487 3.02 3.18 26.85
N GLN A 488 2.71 4.21 27.62
CA GLN A 488 3.68 5.25 27.93
C GLN A 488 4.66 4.70 28.95
N ARG A 489 5.94 5.03 28.75
CA ARG A 489 7.02 4.55 29.60
C ARG A 489 7.67 5.73 30.31
N THR A 490 8.61 5.44 31.21
CA THR A 490 9.25 6.52 31.97
C THR A 490 9.97 7.46 31.01
N PRO A 491 9.81 8.79 31.17
CA PRO A 491 10.49 9.69 30.23
C PRO A 491 12.00 9.69 30.45
N ILE A 492 12.72 9.97 29.35
CA ILE A 492 14.17 10.20 29.32
C ILE A 492 14.40 11.64 29.79
N VAL A 493 15.25 11.83 30.82
CA VAL A 493 15.46 13.13 31.37
C VAL A 493 16.90 13.59 31.45
N ASN A 494 17.88 12.72 31.29
CA ASN A 494 19.26 13.18 31.48
C ASN A 494 19.90 13.40 30.14
N ILE A 495 19.56 14.54 29.54
CA ILE A 495 20.01 14.91 28.22
C ILE A 495 21.06 16.01 28.42
N LYS A 496 22.29 15.71 27.99
CA LYS A 496 23.42 16.64 28.15
C LYS A 496 23.87 17.09 26.79
N ASP A 497 23.68 18.35 26.48
CA ASP A 497 24.07 18.86 25.16
C ASP A 497 23.50 17.96 24.05
N ASN A 498 22.22 17.61 24.18
CA ASN A 498 21.52 16.82 23.13
C ASN A 498 22.16 15.44 22.94
N THR A 499 22.70 14.87 24.01
CA THR A 499 23.14 13.49 24.04
C THR A 499 22.46 12.81 25.20
N PHE A 500 22.16 11.52 25.04
CA PHE A 500 21.62 10.71 26.11
C PHE A 500 21.87 9.24 25.77
N THR A 501 21.74 8.38 26.78
CA THR A 501 21.84 6.95 26.58
C THR A 501 20.53 6.31 27.04
N TYR A 502 20.04 5.36 26.21
CA TYR A 502 18.77 4.75 26.49
C TYR A 502 18.88 3.27 26.13
N THR A 503 18.72 2.40 27.13
CA THR A 503 18.75 0.97 26.92
C THR A 503 17.33 0.45 26.82
N VAL A 504 17.13 -0.35 25.75
CA VAL A 504 15.83 -0.83 25.38
C VAL A 504 15.86 -2.38 25.49
N PRO A 505 14.83 -3.01 26.10
CA PRO A 505 14.80 -4.48 26.12
C PRO A 505 14.76 -5.08 24.71
N ALA A 506 15.10 -6.37 24.65
CA ALA A 506 14.97 -7.15 23.44
C ALA A 506 13.56 -6.93 22.84
N LEU A 507 13.51 -6.97 21.50
CA LEU A 507 12.26 -7.02 20.74
C LEU A 507 11.24 -6.00 21.28
N THR A 508 11.64 -4.72 21.18
CA THR A 508 10.79 -3.62 21.61
C THR A 508 10.78 -2.55 20.51
N ALA A 509 9.64 -1.91 20.35
CA ALA A 509 9.45 -0.80 19.45
C ALA A 509 9.04 0.42 20.25
N CYS A 510 9.78 1.53 20.11
CA CYS A 510 9.51 2.72 20.85
C CYS A 510 9.33 3.95 19.95
N HIS A 511 8.55 4.88 20.48
CA HIS A 511 8.40 6.22 19.86
C HIS A 511 8.79 7.21 20.98
N ILE A 512 9.88 7.95 20.70
CA ILE A 512 10.40 8.93 21.64
C ILE A 512 10.01 10.32 21.09
N VAL A 513 9.52 11.21 21.97
CA VAL A 513 9.14 12.56 21.57
C VAL A 513 9.95 13.52 22.44
N LEU A 514 10.97 14.15 21.82
CA LEU A 514 11.86 15.07 22.50
C LEU A 514 11.36 16.47 22.38
N GLU A 515 11.44 17.20 23.50
CA GLU A 515 11.09 18.62 23.51
C GLU A 515 12.04 19.37 24.45
#